data_5X9K
#
_entry.id   5X9K
#
_cell.length_a   50.589
_cell.length_b   37.423
_cell.length_c   74.777
_cell.angle_alpha   90.00
_cell.angle_beta   107.45
_cell.angle_gamma   90.00
#
_symmetry.space_group_name_H-M   'P 1 21 1'
#
loop_
_entity.id
_entity.type
_entity.pdbx_description
1 polymer 'Austinol synthesis protein H'
2 water water
#
_entity_poly.entity_id   1
_entity_poly.type   'polypeptide(L)'
_entity_poly.pdbx_seq_one_letter_code
;MGSSHHHHHHSSGLVPRGSHMMPPTRDELLCTALNFVGQFAKLDVESVLSFMSPSCTLRSFPSSLGKPALQTKEESKADF
QGLKDFFYNFQLRVKDGAEPVIDEPARKVVLHIEGKGDSLVGRFETEYVYILQINEEGTMVEDFFQFADSATRDAWGKKI
EAHFSARN
;
_entity_poly.pdbx_strand_id   A,B
#
# COMPACT_ATOMS: atom_id res chain seq x y z
N MET A 22 10.94 -20.39 -20.56
CA MET A 22 11.39 -20.27 -19.17
C MET A 22 10.78 -19.06 -18.48
N PRO A 23 10.26 -19.26 -17.28
CA PRO A 23 9.63 -18.15 -16.55
C PRO A 23 10.67 -17.11 -16.15
N PRO A 24 10.27 -15.87 -15.92
CA PRO A 24 11.24 -14.85 -15.50
C PRO A 24 11.91 -15.23 -14.19
N THR A 25 13.20 -14.94 -14.10
CA THR A 25 13.91 -15.13 -12.85
C THR A 25 13.62 -13.97 -11.90
N ARG A 26 14.02 -14.16 -10.64
CA ARG A 26 13.91 -13.11 -9.64
C ARG A 26 14.57 -11.82 -10.14
N ASP A 27 15.77 -11.94 -10.71
CA ASP A 27 16.49 -10.79 -11.24
C ASP A 27 15.77 -10.15 -12.42
N GLU A 28 15.22 -10.97 -13.33
CA GLU A 28 14.51 -10.43 -14.48
C GLU A 28 13.25 -9.69 -14.05
N LEU A 29 12.54 -10.24 -13.05
CA LEU A 29 11.36 -9.58 -12.53
C LEU A 29 11.68 -8.21 -11.97
N LEU A 30 12.73 -8.12 -11.15
CA LEU A 30 13.13 -6.85 -10.56
C LEU A 30 13.55 -5.84 -11.64
N CYS A 31 14.22 -6.33 -12.67
CA CYS A 31 14.67 -5.46 -13.75
C CYS A 31 13.49 -4.80 -14.44
N THR A 32 12.50 -5.59 -14.84
CA THR A 32 11.33 -5.04 -15.51
C THR A 32 10.56 -4.10 -14.59
N ALA A 33 10.40 -4.47 -13.33
CA ALA A 33 9.66 -3.62 -12.40
C ALA A 33 10.35 -2.27 -12.24
N LEU A 34 11.66 -2.28 -12.05
CA LEU A 34 12.36 -1.04 -11.80
C LEU A 34 12.58 -0.22 -13.06
N ASN A 35 12.59 -0.85 -14.25
CA ASN A 35 12.54 -0.09 -15.50
C ASN A 35 11.19 0.62 -15.64
N PHE A 36 10.10 -0.07 -15.28
CA PHE A 36 8.78 0.56 -15.27
C PHE A 36 8.77 1.78 -14.35
N VAL A 37 9.29 1.61 -13.13
CA VAL A 37 9.31 2.68 -12.14
C VAL A 37 10.14 3.87 -12.62
N GLY A 38 11.27 3.58 -13.28
CA GLY A 38 12.12 4.63 -13.80
C GLY A 38 11.53 5.42 -14.94
N GLN A 39 10.48 4.93 -15.60
CA GLN A 39 9.89 5.67 -16.72
C GLN A 39 9.12 6.91 -16.28
N PHE A 40 8.65 6.94 -15.03
CA PHE A 40 7.82 8.06 -14.60
C PHE A 40 8.58 9.38 -14.67
N ALA A 41 9.89 9.35 -14.43
CA ALA A 41 10.68 10.57 -14.40
C ALA A 41 10.81 11.23 -15.77
N LYS A 42 10.48 10.52 -16.84
CA LYS A 42 10.61 11.12 -18.15
C LYS A 42 9.51 12.13 -18.43
N LEU A 43 8.40 12.08 -17.68
CA LEU A 43 7.28 13.00 -17.82
C LEU A 43 6.86 13.14 -19.28
N ASP A 44 6.84 12.01 -20.00
CA ASP A 44 6.58 12.00 -21.43
C ASP A 44 5.33 11.22 -21.80
N VAL A 45 4.55 10.78 -20.81
CA VAL A 45 3.30 10.05 -20.96
C VAL A 45 3.54 8.62 -21.46
N GLU A 46 4.20 8.48 -22.61
CA GLU A 46 4.18 7.21 -23.33
C GLU A 46 5.18 6.19 -22.80
N SER A 47 6.28 6.63 -22.20
CA SER A 47 7.29 5.67 -21.76
C SER A 47 6.74 4.76 -20.67
N VAL A 48 5.93 5.30 -19.77
CA VAL A 48 5.24 4.47 -18.77
C VAL A 48 4.25 3.54 -19.45
N LEU A 49 3.41 4.08 -20.32
CA LEU A 49 2.40 3.27 -20.99
C LEU A 49 3.04 2.16 -21.82
N SER A 50 4.23 2.39 -22.35
CA SER A 50 4.86 1.38 -23.20
C SER A 50 5.34 0.17 -22.42
N PHE A 51 5.40 0.25 -21.10
CA PHE A 51 5.76 -0.89 -20.27
C PHE A 51 4.55 -1.63 -19.72
N MET A 52 3.34 -1.24 -20.10
CA MET A 52 2.11 -1.92 -19.70
C MET A 52 1.55 -2.71 -20.87
N SER A 53 1.23 -3.99 -20.64
CA SER A 53 0.60 -4.77 -21.69
C SER A 53 -0.78 -4.20 -22.02
N PRO A 54 -1.29 -4.45 -23.23
CA PRO A 54 -2.62 -3.91 -23.59
C PRO A 54 -3.72 -4.26 -22.59
N SER A 55 -3.67 -5.45 -22.02
CA SER A 55 -4.68 -5.93 -21.08
C SER A 55 -4.37 -5.58 -19.63
N CYS A 56 -3.39 -4.71 -19.39
CA CYS A 56 -2.97 -4.42 -18.02
C CYS A 56 -4.13 -3.85 -17.21
N THR A 57 -4.29 -4.38 -16.00
CA THR A 57 -5.25 -3.87 -15.01
C THR A 57 -4.50 -2.92 -14.09
N LEU A 58 -4.98 -1.68 -13.97
CA LEU A 58 -4.46 -0.76 -12.96
C LEU A 58 -5.42 -0.75 -11.77
N ARG A 59 -4.89 -1.03 -10.58
CA ARG A 59 -5.70 -1.06 -9.36
C ARG A 59 -5.21 0.04 -8.43
N SER A 60 -6.12 0.87 -7.93
CA SER A 60 -5.73 2.03 -7.14
C SER A 60 -6.48 2.02 -5.81
N PHE A 61 -5.72 1.99 -4.73
CA PHE A 61 -6.24 1.91 -3.36
C PHE A 61 -5.57 3.00 -2.52
N PRO A 62 -6.14 3.33 -1.34
CA PRO A 62 -7.34 2.83 -0.68
C PRO A 62 -8.62 3.08 -1.47
N SER A 63 -9.65 2.28 -1.21
CA SER A 63 -10.96 2.53 -1.81
C SER A 63 -11.55 3.85 -1.31
N SER A 64 -12.19 4.58 -2.22
CA SER A 64 -12.96 5.76 -1.87
C SER A 64 -14.28 5.73 -2.63
N LEU A 65 -15.32 6.31 -2.05
CA LEU A 65 -16.64 6.29 -2.68
C LEU A 65 -16.62 7.04 -4.00
N GLY A 66 -17.30 6.46 -5.00
CA GLY A 66 -17.33 7.01 -6.33
C GLY A 66 -16.08 6.82 -7.15
N LYS A 67 -14.92 6.55 -6.50
CA LYS A 67 -13.69 6.33 -7.27
C LYS A 67 -13.60 4.87 -7.69
N PRO A 68 -13.36 4.58 -8.97
CA PRO A 68 -13.22 3.18 -9.38
C PRO A 68 -11.90 2.62 -8.87
N ALA A 69 -11.98 1.42 -8.29
CA ALA A 69 -10.75 0.75 -7.86
C ALA A 69 -9.91 0.34 -9.06
N LEU A 70 -10.54 0.02 -10.19
CA LEU A 70 -9.86 -0.56 -11.33
C LEU A 70 -9.94 0.36 -12.54
N GLN A 71 -8.86 0.38 -13.34
CA GLN A 71 -8.79 1.17 -14.55
C GLN A 71 -8.11 0.36 -15.64
N THR A 72 -8.53 0.60 -16.88
CA THR A 72 -7.84 0.04 -18.02
C THR A 72 -6.63 0.90 -18.36
N LYS A 73 -5.73 0.34 -19.16
CA LYS A 73 -4.59 1.12 -19.63
C LYS A 73 -5.05 2.37 -20.37
N GLU A 74 -6.11 2.24 -21.18
CA GLU A 74 -6.66 3.38 -21.90
C GLU A 74 -7.17 4.44 -20.94
N GLU A 75 -7.87 4.04 -19.89
CA GLU A 75 -8.37 4.99 -18.89
C GLU A 75 -7.23 5.67 -18.14
N SER A 76 -6.09 4.99 -17.95
CA SER A 76 -5.06 5.59 -17.12
C SER A 76 -4.22 6.63 -17.86
N LYS A 77 -4.35 6.73 -19.19
CA LYS A 77 -3.48 7.66 -19.92
C LYS A 77 -3.66 9.09 -19.45
N ALA A 78 -4.87 9.47 -19.06
CA ALA A 78 -5.10 10.81 -18.53
C ALA A 78 -4.22 11.09 -17.31
N ASP A 79 -3.99 10.08 -16.47
CA ASP A 79 -3.15 10.26 -15.29
C ASP A 79 -1.73 10.63 -15.66
N PHE A 80 -1.16 9.94 -16.66
CA PHE A 80 0.20 10.27 -17.06
C PHE A 80 0.25 11.58 -17.84
N GLN A 81 -0.85 11.95 -18.51
CA GLN A 81 -0.92 13.27 -19.11
C GLN A 81 -0.84 14.35 -18.05
N GLY A 82 -1.48 14.13 -16.90
CA GLY A 82 -1.42 15.11 -15.83
C GLY A 82 -0.05 15.23 -15.22
N LEU A 83 0.64 14.10 -15.03
CA LEU A 83 2.03 14.16 -14.56
C LEU A 83 2.86 15.09 -15.42
N LYS A 84 2.75 14.92 -16.74
CA LYS A 84 3.50 15.76 -17.66
C LYS A 84 3.13 17.24 -17.51
N ASP A 85 1.83 17.52 -17.46
CA ASP A 85 1.38 18.91 -17.53
C ASP A 85 1.68 19.68 -16.26
N PHE A 86 1.74 19.02 -15.12
CA PHE A 86 1.76 19.72 -13.84
C PHE A 86 3.10 19.66 -13.12
N PHE A 87 4.10 18.96 -13.66
CA PHE A 87 5.38 18.79 -12.98
C PHE A 87 6.53 19.34 -13.82
N TYR A 88 7.42 20.11 -13.18
CA TYR A 88 8.70 20.45 -13.80
C TYR A 88 9.64 19.26 -13.77
N ASN A 89 9.66 18.52 -12.67
CA ASN A 89 10.40 17.28 -12.59
C ASN A 89 9.69 16.36 -11.61
N PHE A 90 9.96 15.08 -11.72
CA PHE A 90 9.30 14.10 -10.87
C PHE A 90 10.08 12.80 -10.96
N GLN A 91 10.13 12.07 -9.85
CA GLN A 91 10.84 10.81 -9.86
C GLN A 91 10.19 9.85 -8.87
N LEU A 92 10.06 8.59 -9.27
CA LEU A 92 9.71 7.52 -8.34
C LEU A 92 10.99 6.76 -7.98
N ARG A 93 11.17 6.46 -6.70
CA ARG A 93 12.35 5.77 -6.21
C ARG A 93 11.94 4.78 -5.13
N VAL A 94 12.60 3.63 -5.08
CA VAL A 94 12.40 2.73 -3.95
C VAL A 94 12.98 3.38 -2.70
N LYS A 95 12.20 3.40 -1.62
CA LYS A 95 12.68 3.99 -0.38
C LYS A 95 13.94 3.27 0.10
N ASP A 96 14.94 4.04 0.52
CA ASP A 96 16.19 3.44 0.97
C ASP A 96 15.94 2.53 2.17
N GLY A 97 16.57 1.36 2.15
CA GLY A 97 16.32 0.33 3.14
C GLY A 97 15.15 -0.58 2.84
N ALA A 98 14.28 -0.19 1.91
CA ALA A 98 13.09 -0.98 1.56
C ALA A 98 13.48 -2.01 0.51
N GLU A 99 13.82 -3.21 0.96
CA GLU A 99 14.20 -4.26 0.03
C GLU A 99 12.96 -4.75 -0.74
N PRO A 100 13.07 -4.93 -2.05
CA PRO A 100 11.92 -5.44 -2.81
C PRO A 100 11.48 -6.81 -2.33
N VAL A 101 10.18 -7.03 -2.33
CA VAL A 101 9.58 -8.31 -2.02
C VAL A 101 9.16 -8.94 -3.33
N ILE A 102 9.71 -10.12 -3.63
CA ILE A 102 9.53 -10.73 -4.95
C ILE A 102 8.89 -12.09 -4.79
N ASP A 103 7.76 -12.28 -5.44
CA ASP A 103 7.06 -13.56 -5.53
C ASP A 103 7.37 -14.10 -6.92
N GLU A 104 8.47 -14.85 -7.01
CA GLU A 104 8.93 -15.33 -8.31
C GLU A 104 7.88 -16.19 -9.02
N PRO A 105 7.26 -17.19 -8.36
CA PRO A 105 6.20 -17.95 -9.05
C PRO A 105 5.10 -17.08 -9.64
N ALA A 106 4.60 -16.11 -8.87
CA ALA A 106 3.52 -15.24 -9.33
C ALA A 106 3.97 -14.12 -10.28
N ARG A 107 5.27 -13.93 -10.47
CA ARG A 107 5.81 -12.84 -11.29
C ARG A 107 5.44 -11.47 -10.71
N LYS A 108 5.54 -11.35 -9.38
CA LYS A 108 5.13 -10.13 -8.69
C LYS A 108 6.29 -9.53 -7.91
N VAL A 109 6.40 -8.21 -8.00
CA VAL A 109 7.42 -7.44 -7.29
C VAL A 109 6.69 -6.40 -6.45
N VAL A 110 6.97 -6.36 -5.16
CA VAL A 110 6.36 -5.42 -4.23
C VAL A 110 7.40 -4.39 -3.84
N LEU A 111 7.04 -3.10 -3.97
CA LEU A 111 7.98 -2.02 -3.74
C LEU A 111 7.36 -0.95 -2.86
N HIS A 112 8.13 -0.48 -1.88
CA HIS A 112 7.76 0.72 -1.12
C HIS A 112 8.40 1.91 -1.84
N ILE A 113 7.55 2.73 -2.47
CA ILE A 113 7.98 3.76 -3.41
C ILE A 113 7.78 5.15 -2.81
N GLU A 114 8.73 6.04 -3.08
CA GLU A 114 8.59 7.48 -2.83
C GLU A 114 8.50 8.21 -4.15
N GLY A 115 7.51 9.11 -4.27
CA GLY A 115 7.42 10.02 -5.40
C GLY A 115 7.66 11.44 -4.93
N LYS A 116 8.57 12.14 -5.63
CA LYS A 116 8.92 13.51 -5.26
C LYS A 116 9.14 14.32 -6.53
N GLY A 117 8.67 15.56 -6.53
CA GLY A 117 8.88 16.39 -7.70
C GLY A 117 8.56 17.84 -7.39
N ASP A 118 8.92 18.69 -8.34
CA ASP A 118 8.59 20.11 -8.28
C ASP A 118 7.43 20.36 -9.22
N SER A 119 6.31 20.81 -8.66
CA SER A 119 5.11 20.93 -9.47
C SER A 119 4.67 22.39 -9.56
N LEU A 120 3.72 22.61 -10.45
CA LEU A 120 3.02 23.87 -10.66
C LEU A 120 2.65 24.54 -9.34
N VAL A 121 2.27 23.75 -8.33
CA VAL A 121 1.80 24.29 -7.06
C VAL A 121 2.78 23.91 -5.96
N GLY A 122 4.05 23.80 -6.31
CA GLY A 122 5.08 23.62 -5.31
C GLY A 122 5.52 22.18 -5.15
N ARG A 123 6.19 21.93 -4.03
CA ARG A 123 6.81 20.63 -3.77
C ARG A 123 5.73 19.56 -3.55
N PHE A 124 5.93 18.40 -4.17
CA PHE A 124 5.09 17.23 -3.95
C PHE A 124 5.99 16.09 -3.51
N GLU A 125 5.69 15.50 -2.35
CA GLU A 125 6.38 14.34 -1.85
C GLU A 125 5.36 13.37 -1.29
N THR A 126 5.26 12.20 -1.88
CA THR A 126 4.27 11.22 -1.49
C THR A 126 4.94 9.86 -1.46
N GLU A 127 4.18 8.82 -1.11
CA GLU A 127 4.70 7.47 -1.15
C GLU A 127 3.58 6.49 -1.51
N TYR A 128 3.98 5.26 -1.84
CA TYR A 128 3.06 4.23 -2.27
C TYR A 128 3.63 2.86 -1.93
N VAL A 129 2.75 1.86 -1.93
CA VAL A 129 3.16 0.48 -2.16
C VAL A 129 2.72 0.13 -3.57
N TYR A 130 3.67 -0.28 -4.40
CA TYR A 130 3.35 -0.83 -5.71
C TYR A 130 3.44 -2.34 -5.61
N ILE A 131 2.46 -3.03 -6.20
CA ILE A 131 2.59 -4.47 -6.47
C ILE A 131 2.50 -4.65 -7.97
N LEU A 132 3.60 -5.05 -8.60
CA LEU A 132 3.68 -5.14 -10.06
C LEU A 132 3.74 -6.61 -10.46
N GLN A 133 2.79 -7.05 -11.28
CA GLN A 133 2.79 -8.38 -11.88
C GLN A 133 3.34 -8.27 -13.30
N ILE A 134 4.39 -9.03 -13.60
CA ILE A 134 5.03 -8.98 -14.90
C ILE A 134 4.45 -10.09 -15.78
N ASN A 135 4.41 -9.87 -17.10
CA ASN A 135 3.88 -10.90 -17.98
C ASN A 135 4.84 -12.10 -18.03
N GLU A 136 4.38 -13.18 -18.67
CA GLU A 136 5.19 -14.40 -18.71
C GLU A 136 6.51 -14.17 -19.43
N GLU A 137 6.50 -13.33 -20.47
CA GLU A 137 7.71 -13.01 -21.21
C GLU A 137 8.72 -12.21 -20.39
N GLY A 138 8.30 -11.62 -19.28
CA GLY A 138 9.20 -10.77 -18.50
C GLY A 138 9.46 -9.40 -19.08
N THR A 139 8.57 -8.89 -19.93
CA THR A 139 8.81 -7.65 -20.66
C THR A 139 7.89 -6.50 -20.27
N MET A 140 6.76 -6.76 -19.62
CA MET A 140 5.79 -5.71 -19.38
C MET A 140 5.00 -5.96 -18.10
N VAL A 141 4.48 -4.87 -17.53
CA VAL A 141 3.58 -4.97 -16.38
C VAL A 141 2.18 -5.29 -16.89
N GLU A 142 1.59 -6.37 -16.37
CA GLU A 142 0.22 -6.74 -16.72
C GLU A 142 -0.76 -6.56 -15.57
N ASP A 143 -0.28 -6.30 -14.36
CA ASP A 143 -1.18 -5.87 -13.29
C ASP A 143 -0.41 -4.86 -12.44
N PHE A 144 -0.97 -3.67 -12.29
CA PHE A 144 -0.32 -2.53 -11.66
C PHE A 144 -1.19 -2.15 -10.47
N PHE A 145 -0.84 -2.66 -9.30
CA PHE A 145 -1.49 -2.31 -8.03
C PHE A 145 -0.73 -1.16 -7.40
N GLN A 146 -1.44 -0.13 -6.97
CA GLN A 146 -0.81 0.89 -6.14
C GLN A 146 -1.70 1.19 -4.94
N PHE A 147 -1.05 1.37 -3.80
CA PHE A 147 -1.72 1.77 -2.57
C PHE A 147 -1.11 3.10 -2.22
N ALA A 148 -1.91 4.16 -2.34
CA ALA A 148 -1.41 5.52 -2.30
C ALA A 148 -1.45 6.08 -0.89
N ASP A 149 -0.63 7.11 -0.67
CA ASP A 149 -0.68 7.96 0.52
C ASP A 149 -1.73 9.03 0.23
N SER A 150 -2.98 8.75 0.62
CA SER A 150 -4.07 9.64 0.24
C SER A 150 -3.93 11.03 0.85
N ALA A 151 -3.39 11.12 2.07
CA ALA A 151 -3.22 12.44 2.70
C ALA A 151 -2.46 13.39 1.78
N THR A 152 -1.28 12.97 1.30
CA THR A 152 -0.53 13.90 0.47
C THR A 152 -1.07 14.00 -0.95
N ARG A 153 -1.54 12.89 -1.51
CA ARG A 153 -2.11 12.93 -2.86
C ARG A 153 -3.32 13.86 -2.92
N ASP A 154 -4.26 13.71 -1.99
CA ASP A 154 -5.46 14.54 -2.01
C ASP A 154 -5.14 16.00 -1.75
N ALA A 155 -4.18 16.27 -0.84
CA ALA A 155 -3.80 17.65 -0.55
C ALA A 155 -3.25 18.33 -1.79
N TRP A 156 -2.33 17.65 -2.48
CA TRP A 156 -1.81 18.19 -3.72
C TRP A 156 -2.91 18.36 -4.75
N GLY A 157 -3.84 17.41 -4.82
CA GLY A 157 -4.96 17.54 -5.75
C GLY A 157 -5.80 18.76 -5.47
N LYS A 158 -5.97 19.09 -4.19
CA LYS A 158 -6.73 20.29 -3.83
C LYS A 158 -5.98 21.55 -4.27
N LYS A 159 -4.66 21.59 -4.07
CA LYS A 159 -3.87 22.73 -4.53
C LYS A 159 -3.98 22.91 -6.04
N ILE A 160 -3.94 21.81 -6.81
CA ILE A 160 -4.10 21.90 -8.26
C ILE A 160 -5.45 22.49 -8.62
N GLU A 161 -6.50 22.08 -7.91
CA GLU A 161 -7.83 22.64 -8.17
C GLU A 161 -7.90 24.12 -7.81
N ALA A 162 -7.38 24.49 -6.64
CA ALA A 162 -7.39 25.90 -6.26
C ALA A 162 -6.58 26.74 -7.23
N HIS A 163 -5.48 26.18 -7.74
CA HIS A 163 -4.64 26.87 -8.71
C HIS A 163 -5.41 27.16 -9.99
N PHE A 164 -6.03 26.13 -10.58
CA PHE A 164 -6.78 26.33 -11.81
C PHE A 164 -8.02 27.18 -11.58
N SER A 165 -8.66 27.05 -10.41
CA SER A 165 -9.80 27.91 -10.11
C SER A 165 -9.40 29.37 -10.08
N ALA A 166 -8.18 29.67 -9.61
CA ALA A 166 -7.69 31.04 -9.58
C ALA A 166 -7.31 31.56 -10.96
N ARG A 167 -6.77 30.70 -11.82
CA ARG A 167 -6.43 31.12 -13.18
C ARG A 167 -7.67 31.49 -13.97
N ASN A 168 -8.73 30.70 -13.83
CA ASN A 168 -10.05 31.02 -14.37
C ASN A 168 -10.04 31.18 -15.90
N PRO B 23 13.43 -24.59 5.52
CA PRO B 23 12.79 -23.27 5.49
C PRO B 23 11.27 -23.38 5.50
N PRO B 24 10.60 -22.32 5.97
CA PRO B 24 9.13 -22.31 5.93
C PRO B 24 8.61 -22.37 4.50
N THR B 25 7.53 -23.13 4.32
CA THR B 25 6.88 -23.29 3.04
C THR B 25 6.03 -22.05 2.73
N ARG B 26 5.78 -21.84 1.44
CA ARG B 26 4.77 -20.89 0.99
C ARG B 26 3.52 -20.92 1.86
N ASP B 27 2.75 -22.02 1.79
CA ASP B 27 1.53 -22.13 2.57
C ASP B 27 1.80 -22.05 4.07
N GLU B 28 3.00 -22.43 4.50
CA GLU B 28 3.37 -22.32 5.90
C GLU B 28 3.50 -20.85 6.32
N LEU B 29 4.19 -20.05 5.51
CA LEU B 29 4.27 -18.61 5.75
C LEU B 29 2.88 -17.98 5.71
N LEU B 30 2.04 -18.43 4.78
CA LEU B 30 0.70 -17.86 4.63
C LEU B 30 -0.15 -18.12 5.87
N CYS B 31 -0.14 -19.37 6.36
CA CYS B 31 -0.93 -19.70 7.55
C CYS B 31 -0.54 -18.86 8.76
N THR B 32 0.77 -18.73 9.01
CA THR B 32 1.23 -17.90 10.12
C THR B 32 0.80 -16.45 9.93
N ALA B 33 0.94 -15.92 8.72
CA ALA B 33 0.56 -14.53 8.49
C ALA B 33 -0.94 -14.34 8.75
N LEU B 34 -1.77 -15.20 8.16
CA LEU B 34 -3.21 -15.04 8.30
C LEU B 34 -3.67 -15.24 9.74
N ASN B 35 -2.98 -16.08 10.50
CA ASN B 35 -3.34 -16.25 11.90
C ASN B 35 -3.00 -15.01 12.71
N PHE B 36 -1.91 -14.33 12.35
CA PHE B 36 -1.54 -13.08 13.00
C PHE B 36 -2.60 -12.01 12.74
N VAL B 37 -3.03 -11.88 11.48
CA VAL B 37 -4.10 -10.96 11.12
C VAL B 37 -5.36 -11.30 11.92
N GLY B 38 -5.62 -12.59 12.12
CA GLY B 38 -6.81 -13.04 12.82
C GLY B 38 -6.84 -12.68 14.30
N GLN B 39 -5.71 -12.35 14.90
CA GLN B 39 -5.68 -12.03 16.33
C GLN B 39 -6.23 -10.64 16.62
N PHE B 40 -6.24 -9.74 15.64
CA PHE B 40 -6.59 -8.35 15.92
C PHE B 40 -8.03 -8.19 16.41
N ALA B 41 -8.94 -9.01 15.89
CA ALA B 41 -10.34 -8.96 16.30
C ALA B 41 -10.52 -9.22 17.79
N LYS B 42 -9.56 -9.86 18.44
CA LYS B 42 -9.73 -10.13 19.86
C LYS B 42 -9.72 -8.85 20.70
N LEU B 43 -9.10 -7.78 20.21
CA LEU B 43 -9.05 -6.49 20.89
C LEU B 43 -8.61 -6.66 22.34
N ASP B 44 -7.56 -7.46 22.53
CA ASP B 44 -7.07 -7.78 23.87
C ASP B 44 -5.61 -7.40 24.08
N VAL B 45 -4.97 -6.79 23.07
CA VAL B 45 -3.59 -6.32 23.11
C VAL B 45 -2.61 -7.49 23.09
N GLU B 46 -2.81 -8.47 23.98
CA GLU B 46 -1.76 -9.46 24.19
C GLU B 46 -1.75 -10.59 23.15
N SER B 47 -2.91 -10.95 22.59
CA SER B 47 -2.93 -12.04 21.62
C SER B 47 -2.11 -11.71 20.39
N VAL B 48 -2.13 -10.44 19.96
CA VAL B 48 -1.32 -10.01 18.83
C VAL B 48 0.16 -10.03 19.19
N LEU B 49 0.51 -9.40 20.31
CA LEU B 49 1.91 -9.38 20.76
C LEU B 49 2.48 -10.78 20.92
N SER B 50 1.65 -11.76 21.30
CA SER B 50 2.14 -13.10 21.60
C SER B 50 2.53 -13.86 20.34
N PHE B 51 2.13 -13.37 19.17
CA PHE B 51 2.56 -13.91 17.90
C PHE B 51 3.63 -13.04 17.24
N MET B 52 4.20 -12.10 17.98
CA MET B 52 5.38 -11.34 17.58
C MET B 52 6.59 -11.80 18.40
N SER B 53 7.77 -11.65 17.81
CA SER B 53 9.01 -12.00 18.49
C SER B 53 9.47 -10.84 19.37
N PRO B 54 10.29 -11.14 20.39
CA PRO B 54 10.78 -10.05 21.26
C PRO B 54 11.54 -9.00 20.49
N SER B 55 12.24 -9.40 19.43
CA SER B 55 12.95 -8.46 18.57
C SER B 55 12.04 -7.83 17.52
N CYS B 56 10.81 -8.35 17.34
CA CYS B 56 9.95 -7.89 16.25
C CYS B 56 9.83 -6.37 16.26
N THR B 57 9.99 -5.77 15.09
CA THR B 57 9.85 -4.34 14.94
C THR B 57 8.55 -4.03 14.20
N LEU B 58 7.95 -2.86 14.50
CA LEU B 58 6.76 -2.36 13.81
C LEU B 58 7.11 -1.13 12.99
N ARG B 59 6.77 -1.17 11.69
CA ARG B 59 7.14 -0.11 10.75
C ARG B 59 5.84 0.45 10.16
N SER B 60 5.54 1.71 10.45
CA SER B 60 4.22 2.27 10.17
C SER B 60 4.32 3.37 9.13
N PHE B 61 3.51 3.24 8.07
CA PHE B 61 3.54 4.18 6.95
C PHE B 61 2.12 4.50 6.53
N PRO B 62 1.89 5.55 5.71
CA PRO B 62 2.84 6.52 5.16
C PRO B 62 3.30 7.50 6.23
N SER B 63 4.43 8.17 5.98
CA SER B 63 4.97 9.13 6.94
C SER B 63 3.97 10.23 7.27
N SER B 64 3.05 10.53 6.35
CA SER B 64 2.07 11.60 6.56
C SER B 64 1.20 11.38 7.80
N LEU B 65 1.08 10.15 8.28
CA LEU B 65 0.25 9.92 9.47
C LEU B 65 0.98 10.26 10.75
N GLY B 66 2.28 10.59 10.69
CA GLY B 66 3.00 11.04 11.85
C GLY B 66 3.54 9.96 12.76
N LYS B 67 3.40 8.69 12.38
CA LYS B 67 3.92 7.61 13.20
C LYS B 67 5.40 7.37 12.89
N PRO B 68 6.13 6.77 13.83
CA PRO B 68 7.53 6.44 13.56
C PRO B 68 7.67 5.39 12.47
N ALA B 69 8.71 5.55 11.65
CA ALA B 69 9.03 4.52 10.67
C ALA B 69 9.47 3.22 11.33
N LEU B 70 9.85 3.28 12.60
CA LEU B 70 10.36 2.13 13.33
C LEU B 70 9.89 2.25 14.77
N GLN B 71 9.34 1.18 15.32
CA GLN B 71 9.08 1.22 16.75
C GLN B 71 9.21 -0.17 17.31
N THR B 72 9.46 -0.23 18.62
CA THR B 72 9.70 -1.47 19.29
C THR B 72 8.38 -2.19 19.54
N LYS B 73 8.48 -3.49 19.82
CA LYS B 73 7.31 -4.24 20.25
C LYS B 73 6.66 -3.61 21.47
N GLU B 74 7.48 -3.10 22.39
CA GLU B 74 6.96 -2.45 23.59
C GLU B 74 6.24 -1.16 23.25
N GLU B 75 6.83 -0.33 22.39
CA GLU B 75 6.16 0.91 21.97
C GLU B 75 4.83 0.60 21.28
N SER B 76 4.76 -0.53 20.58
CA SER B 76 3.57 -0.88 19.81
C SER B 76 2.41 -1.34 20.71
N LYS B 77 2.71 -1.89 21.89
CA LYS B 77 1.64 -2.26 22.81
C LYS B 77 0.74 -1.07 23.09
N ALA B 78 1.30 0.14 23.04
CA ALA B 78 0.49 1.34 23.23
C ALA B 78 -0.57 1.48 22.14
N ASP B 79 -0.20 1.23 20.88
CA ASP B 79 -1.17 1.41 19.81
C ASP B 79 -2.21 0.30 19.80
N PHE B 80 -1.82 -0.92 20.22
CA PHE B 80 -2.81 -1.97 20.35
C PHE B 80 -3.75 -1.70 21.50
N GLN B 81 -3.28 -1.04 22.55
CA GLN B 81 -4.18 -0.60 23.60
C GLN B 81 -5.11 0.49 23.08
N GLY B 82 -4.58 1.38 22.25
CA GLY B 82 -5.44 2.35 21.58
C GLY B 82 -6.52 1.66 20.75
N LEU B 83 -6.14 0.64 19.99
CA LEU B 83 -7.12 -0.10 19.19
C LEU B 83 -8.24 -0.64 20.07
N LYS B 84 -7.86 -1.26 21.20
CA LYS B 84 -8.84 -1.83 22.12
C LYS B 84 -9.80 -0.76 22.64
N ASP B 85 -9.28 0.42 23.00
CA ASP B 85 -10.14 1.45 23.57
C ASP B 85 -11.00 2.12 22.51
N PHE B 86 -10.52 2.16 21.25
CA PHE B 86 -11.25 2.84 20.19
C PHE B 86 -12.41 2.01 19.65
N PHE B 87 -12.28 0.68 19.62
CA PHE B 87 -13.27 -0.18 18.97
C PHE B 87 -14.07 -0.97 19.99
N TYR B 88 -15.40 -1.00 19.78
CA TYR B 88 -16.24 -1.98 20.45
C TYR B 88 -16.04 -3.36 19.84
N ASN B 89 -15.95 -3.43 18.51
CA ASN B 89 -15.64 -4.64 17.80
C ASN B 89 -14.79 -4.25 16.60
N PHE B 90 -14.05 -5.22 16.07
CA PHE B 90 -13.11 -4.92 14.99
C PHE B 90 -12.83 -6.20 14.23
N GLN B 91 -12.77 -6.10 12.91
CA GLN B 91 -12.43 -7.24 12.07
C GLN B 91 -11.36 -6.86 11.07
N LEU B 92 -10.33 -7.70 10.95
CA LEU B 92 -9.30 -7.56 9.92
C LEU B 92 -9.42 -8.76 8.99
N ARG B 93 -9.48 -8.50 7.69
CA ARG B 93 -9.61 -9.54 6.69
C ARG B 93 -8.76 -9.19 5.49
N VAL B 94 -8.26 -10.22 4.81
CA VAL B 94 -7.73 -9.99 3.48
C VAL B 94 -8.87 -9.52 2.59
N LYS B 95 -8.62 -8.44 1.85
CA LYS B 95 -9.65 -7.86 1.00
C LYS B 95 -10.01 -8.84 -0.10
N ASP B 96 -11.31 -8.97 -0.39
CA ASP B 96 -11.80 -10.01 -1.30
C ASP B 96 -11.03 -10.03 -2.60
N GLY B 97 -10.61 -11.24 -2.99
CA GLY B 97 -9.91 -11.45 -4.24
C GLY B 97 -8.48 -10.94 -4.29
N ALA B 98 -7.91 -10.55 -3.15
CA ALA B 98 -6.51 -10.08 -3.13
C ALA B 98 -5.60 -11.27 -2.85
N GLU B 99 -4.98 -11.77 -3.89
CA GLU B 99 -4.08 -12.91 -3.73
C GLU B 99 -2.86 -12.52 -2.88
N PRO B 100 -2.49 -13.29 -1.87
CA PRO B 100 -1.29 -12.96 -1.10
C PRO B 100 -0.06 -13.00 -1.99
N VAL B 101 0.90 -12.14 -1.68
CA VAL B 101 2.16 -12.08 -2.40
C VAL B 101 3.24 -12.58 -1.46
N ILE B 102 3.91 -13.66 -1.84
CA ILE B 102 4.76 -14.40 -0.92
C ILE B 102 6.17 -14.46 -1.50
N ASP B 103 7.13 -13.89 -0.79
CA ASP B 103 8.56 -14.02 -1.11
C ASP B 103 9.08 -15.12 -0.18
N GLU B 104 8.99 -16.36 -0.66
CA GLU B 104 9.34 -17.51 0.18
C GLU B 104 10.77 -17.42 0.72
N PRO B 105 11.81 -17.19 -0.09
CA PRO B 105 13.17 -17.13 0.50
C PRO B 105 13.35 -16.03 1.54
N ALA B 106 12.67 -14.91 1.40
CA ALA B 106 12.74 -13.83 2.35
C ALA B 106 11.78 -14.03 3.52
N ARG B 107 10.92 -15.05 3.43
CA ARG B 107 9.92 -15.34 4.46
C ARG B 107 8.97 -14.16 4.64
N LYS B 108 8.57 -13.53 3.55
CA LYS B 108 7.69 -12.37 3.63
C LYS B 108 6.35 -12.66 2.95
N VAL B 109 5.28 -12.17 3.59
CA VAL B 109 3.91 -12.29 3.07
C VAL B 109 3.35 -10.87 2.98
N VAL B 110 2.87 -10.49 1.80
CA VAL B 110 2.26 -9.18 1.57
C VAL B 110 0.75 -9.36 1.47
N LEU B 111 -0.02 -8.62 2.27
CA LEU B 111 -1.47 -8.78 2.25
C LEU B 111 -2.16 -7.43 2.13
N HIS B 112 -3.24 -7.38 1.34
CA HIS B 112 -4.14 -6.23 1.25
C HIS B 112 -5.28 -6.47 2.22
N ILE B 113 -5.32 -5.67 3.30
CA ILE B 113 -6.18 -5.91 4.46
C ILE B 113 -7.24 -4.83 4.51
N GLU B 114 -8.48 -5.23 4.81
CA GLU B 114 -9.53 -4.31 5.21
C GLU B 114 -9.78 -4.44 6.72
N GLY B 115 -10.04 -3.30 7.36
CA GLY B 115 -10.37 -3.30 8.77
C GLY B 115 -11.69 -2.57 8.96
N LYS B 116 -12.64 -3.19 9.66
CA LYS B 116 -13.94 -2.59 9.88
C LYS B 116 -14.37 -2.84 11.32
N GLY B 117 -15.15 -1.92 11.87
CA GLY B 117 -15.61 -2.14 13.23
C GLY B 117 -16.48 -1.00 13.71
N ASP B 118 -17.16 -1.26 14.82
CA ASP B 118 -17.91 -0.22 15.52
C ASP B 118 -16.98 0.42 16.54
N SER B 119 -16.83 1.73 16.42
CA SER B 119 -15.87 2.50 17.19
C SER B 119 -16.61 3.52 18.04
N LEU B 120 -15.83 4.23 18.85
CA LEU B 120 -16.38 5.31 19.67
C LEU B 120 -17.07 6.36 18.82
N VAL B 121 -16.54 6.66 17.63
CA VAL B 121 -17.13 7.71 16.80
C VAL B 121 -18.09 7.15 15.77
N GLY B 122 -18.41 5.87 15.89
CA GLY B 122 -19.35 5.22 14.99
C GLY B 122 -18.70 4.17 14.13
N ARG B 123 -19.37 3.85 13.01
CA ARG B 123 -18.84 2.87 12.07
C ARG B 123 -17.54 3.38 11.47
N PHE B 124 -16.51 2.52 11.45
CA PHE B 124 -15.21 2.95 10.99
C PHE B 124 -14.61 1.88 10.07
N GLU B 125 -14.17 2.29 8.89
CA GLU B 125 -13.58 1.35 7.94
C GLU B 125 -12.28 1.92 7.41
N THR B 126 -11.29 1.05 7.27
CA THR B 126 -10.00 1.45 6.72
C THR B 126 -9.39 0.24 6.04
N GLU B 127 -8.20 0.44 5.48
CA GLU B 127 -7.50 -0.66 4.84
C GLU B 127 -6.01 -0.39 4.92
N TYR B 128 -5.23 -1.45 4.66
CA TYR B 128 -3.78 -1.40 4.79
C TYR B 128 -3.17 -2.32 3.75
N VAL B 129 -1.88 -2.13 3.52
CA VAL B 129 -1.01 -3.21 3.07
C VAL B 129 -0.17 -3.64 4.26
N TYR B 130 -0.21 -4.93 4.59
CA TYR B 130 0.72 -5.53 5.54
C TYR B 130 1.81 -6.27 4.79
N ILE B 131 3.06 -6.11 5.25
CA ILE B 131 4.16 -6.97 4.82
C ILE B 131 4.75 -7.58 6.08
N LEU B 132 4.59 -8.89 6.21
CA LEU B 132 4.92 -9.59 7.45
C LEU B 132 6.10 -10.50 7.16
N GLN B 133 7.19 -10.32 7.89
CA GLN B 133 8.32 -11.22 7.83
C GLN B 133 8.26 -12.19 9.00
N ILE B 134 8.30 -13.49 8.68
CA ILE B 134 8.18 -14.57 9.63
C ILE B 134 9.56 -15.08 9.99
N ASN B 135 9.71 -15.55 11.24
CA ASN B 135 11.01 -16.09 11.65
C ASN B 135 11.31 -17.41 10.93
N GLU B 136 12.54 -17.90 11.14
CA GLU B 136 12.95 -19.11 10.44
C GLU B 136 12.12 -20.32 10.86
N GLU B 137 11.59 -20.32 12.09
CA GLU B 137 10.75 -21.41 12.54
C GLU B 137 9.39 -21.42 11.84
N GLY B 138 9.05 -20.36 11.11
CA GLY B 138 7.77 -20.29 10.45
C GLY B 138 6.60 -20.09 11.39
N THR B 139 6.84 -19.56 12.58
CA THR B 139 5.83 -19.54 13.63
C THR B 139 5.45 -18.16 14.14
N MET B 140 6.33 -17.15 14.03
CA MET B 140 6.00 -15.85 14.59
C MET B 140 6.48 -14.72 13.68
N VAL B 141 5.89 -13.54 13.89
CA VAL B 141 6.18 -12.36 13.07
C VAL B 141 7.40 -11.63 13.62
N GLU B 142 8.38 -11.40 12.74
CA GLU B 142 9.64 -10.76 13.10
C GLU B 142 9.74 -9.32 12.63
N ASP B 143 8.99 -8.97 11.59
CA ASP B 143 8.93 -7.60 11.09
C ASP B 143 7.49 -7.36 10.68
N PHE B 144 6.91 -6.28 11.17
CA PHE B 144 5.50 -5.96 10.92
C PHE B 144 5.45 -4.59 10.22
N PHE B 145 5.41 -4.61 8.89
CA PHE B 145 5.29 -3.41 8.07
C PHE B 145 3.81 -3.18 7.79
N GLN B 146 3.34 -1.96 8.00
CA GLN B 146 1.99 -1.62 7.56
C GLN B 146 1.98 -0.25 6.90
N PHE B 147 1.15 -0.15 5.87
CA PHE B 147 0.96 1.09 5.12
C PHE B 147 -0.56 1.30 5.17
N ALA B 148 -1.00 2.34 5.86
CA ALA B 148 -2.42 2.53 6.17
C ALA B 148 -3.05 3.56 5.24
N ASP B 149 -4.38 3.49 5.16
CA ASP B 149 -5.15 4.52 4.49
C ASP B 149 -5.03 5.83 5.26
N SER B 150 -4.47 6.86 4.62
CA SER B 150 -4.22 8.15 5.26
C SER B 150 -5.20 9.24 4.86
N ALA B 151 -6.30 8.90 4.19
CA ALA B 151 -7.24 9.93 3.79
C ALA B 151 -7.80 10.62 5.03
N THR B 152 -8.03 11.93 4.93
CA THR B 152 -8.56 12.67 6.07
C THR B 152 -10.00 12.26 6.32
N ARG B 153 -10.36 12.20 7.60
CA ARG B 153 -11.71 11.83 8.01
C ARG B 153 -12.31 12.94 8.85
N ASP B 154 -13.65 13.03 8.84
CA ASP B 154 -14.35 13.95 9.72
C ASP B 154 -14.38 13.38 11.14
N ALA B 155 -15.07 14.07 12.06
CA ALA B 155 -15.06 13.66 13.46
C ALA B 155 -15.70 12.29 13.68
N TRP B 156 -16.49 11.79 12.73
CA TRP B 156 -17.14 10.49 12.84
C TRP B 156 -16.48 9.44 11.95
N GLY B 157 -15.23 9.69 11.52
CA GLY B 157 -14.47 8.69 10.81
C GLY B 157 -14.80 8.56 9.34
N LYS B 158 -15.58 9.48 8.79
CA LYS B 158 -16.08 9.41 7.42
C LYS B 158 -15.20 10.23 6.48
N LYS B 159 -15.03 9.73 5.26
CA LYS B 159 -14.28 10.43 4.21
C LYS B 159 -15.17 11.48 3.54
N ILE B 160 -14.52 12.40 2.80
CA ILE B 160 -15.26 13.54 2.24
C ILE B 160 -16.34 13.09 1.27
N GLU B 161 -16.10 11.98 0.54
CA GLU B 161 -17.11 11.49 -0.39
C GLU B 161 -18.39 11.07 0.32
N ALA B 162 -18.34 10.81 1.63
CA ALA B 162 -19.50 10.39 2.40
C ALA B 162 -20.22 11.57 3.06
N HIS B 163 -20.02 12.78 2.55
CA HIS B 163 -20.49 13.99 3.22
C HIS B 163 -21.99 13.94 3.47
N PHE B 164 -22.75 13.37 2.53
CA PHE B 164 -24.20 13.35 2.63
C PHE B 164 -24.77 12.05 3.17
N SER B 165 -23.95 11.02 3.36
CA SER B 165 -24.48 9.75 3.83
C SER B 165 -24.83 9.83 5.31
N ALA B 166 -25.67 8.89 5.76
CA ALA B 166 -26.07 8.87 7.16
C ALA B 166 -24.86 8.53 8.05
N ARG B 167 -24.84 9.11 9.26
CA ARG B 167 -23.77 8.85 10.21
C ARG B 167 -24.12 7.60 11.00
N ASN B 168 -23.37 6.53 10.75
CA ASN B 168 -23.65 5.21 11.32
C ASN B 168 -22.50 4.74 12.21
#